data_6T4S
#
_entry.id   6T4S
#
_cell.length_a   62.892
_cell.length_b   89.997
_cell.length_c   60.960
_cell.angle_alpha   90.000
_cell.angle_beta   97.020
_cell.angle_gamma   90.000
#
_symmetry.space_group_name_H-M   'C 1 2 1'
#
loop_
_entity.id
_entity.type
_entity.pdbx_description
1 polymer 'Genome polyprotein'
2 polymer 'Genome polyprotein'
3 non-polymer '2-(trifluoromethoxy)benzoic acid'
4 water water
#
loop_
_entity_poly.entity_id
_entity_poly.type
_entity_poly.pdbx_seq_one_letter_code
_entity_poly.pdbx_strand_id
1 'polypeptide(L)'
;APPTLWSRVTKFGSGWGFWVSPTVFITTTHVIPTSAKEFFGEPLTSIAIHRAGEFTLFRFSKKIRPDLTGMILEEGCPEG
TVCSVLIKRDSGELLPLAVRMGAIASMRIQGRLVHGQSGMLLTGANAKGMDLGTIPGDCGAPYVYKRANDWVVCGVHAAA
TKSGNTVVCAVQ
;
A
2 'polypeptide(L)'
;PTLWSRVTKFGSGWGFWVSPTVFITTTHVIPTSAKEFFGEPLTSIAIHRAGEFTLFRFSKKIRPDLTGMILEEGCPEGTV
CSVLIKRDSGELLPLAVRMGAIASMRIQGRLVHGQSGMLLTGANAKGMDLGTIPGDCGAPYVYKRANDWVVCGVHAAATK
SGNTVVCAVQA
;
B
#
# COMPACT_ATOMS: atom_id res chain seq x y z
N ALA A 1 1.37 3.02 -9.58
CA ALA A 1 1.54 2.29 -10.87
C ALA A 1 0.53 2.81 -11.87
N PRO A 2 0.89 2.94 -13.17
CA PRO A 2 -0.01 3.52 -14.16
C PRO A 2 -1.29 2.71 -14.30
N PRO A 3 -2.39 3.37 -14.75
CA PRO A 3 -3.67 2.71 -14.95
C PRO A 3 -3.68 1.55 -15.95
N THR A 4 -2.86 1.63 -16.99
CA THR A 4 -2.75 0.58 -18.02
C THR A 4 -2.19 -0.69 -17.37
N LEU A 5 -1.46 -0.59 -16.24
CA LEU A 5 -1.02 -1.81 -15.51
C LEU A 5 -2.19 -2.30 -14.64
N TRP A 6 -2.84 -1.42 -13.87
CA TRP A 6 -4.06 -1.82 -13.11
C TRP A 6 -5.11 -2.51 -14.01
N SER A 7 -5.20 -2.05 -15.27
CA SER A 7 -6.15 -2.50 -16.33
C SER A 7 -5.92 -3.98 -16.64
N ARG A 8 -4.68 -4.47 -16.50
CA ARG A 8 -4.29 -5.86 -16.87
C ARG A 8 -4.73 -6.83 -15.79
N VAL A 9 -5.02 -6.34 -14.58
CA VAL A 9 -5.36 -7.19 -13.39
C VAL A 9 -6.85 -7.58 -13.45
N THR A 10 -7.14 -8.87 -13.62
CA THR A 10 -8.47 -9.49 -13.86
C THR A 10 -8.80 -10.38 -12.67
N LYS A 11 -10.03 -10.28 -12.16
CA LYS A 11 -10.60 -11.23 -11.17
C LYS A 11 -10.71 -12.60 -11.85
N PHE A 12 -10.19 -13.66 -11.21
CA PHE A 12 -9.99 -15.01 -11.77
C PHE A 12 -10.01 -16.02 -10.62
N GLY A 13 -10.99 -16.94 -10.64
CA GLY A 13 -11.14 -18.05 -9.67
C GLY A 13 -11.15 -17.51 -8.25
N SER A 14 -10.33 -18.07 -7.36
CA SER A 14 -10.26 -17.66 -5.93
C SER A 14 -9.35 -16.42 -5.74
N GLY A 15 -8.73 -15.90 -6.81
CA GLY A 15 -7.92 -14.65 -6.75
C GLY A 15 -7.90 -13.86 -8.05
N TRP A 16 -6.74 -13.74 -8.69
CA TRP A 16 -6.42 -12.77 -9.77
C TRP A 16 -5.58 -13.37 -10.90
N GLY A 17 -5.53 -12.68 -12.04
CA GLY A 17 -4.55 -12.93 -13.12
C GLY A 17 -4.22 -11.63 -13.83
N PHE A 18 -3.30 -11.67 -14.78
CA PHE A 18 -2.67 -10.46 -15.37
C PHE A 18 -2.39 -10.74 -16.86
N TRP A 19 -2.87 -9.82 -17.69
CA TRP A 19 -2.73 -9.77 -19.15
C TRP A 19 -1.37 -9.14 -19.50
N VAL A 20 -0.46 -9.98 -19.92
CA VAL A 20 0.89 -9.60 -20.45
C VAL A 20 0.72 -9.03 -21.87
N SER A 21 -0.21 -9.56 -22.64
CA SER A 21 -0.45 -9.06 -24.04
C SER A 21 -1.91 -9.31 -24.42
N PRO A 22 -2.35 -9.03 -25.68
CA PRO A 22 -3.73 -9.33 -26.04
C PRO A 22 -4.06 -10.83 -25.97
N THR A 23 -3.05 -11.73 -26.06
CA THR A 23 -3.29 -13.19 -26.11
C THR A 23 -2.67 -13.93 -24.93
N VAL A 24 -1.98 -13.27 -23.99
CA VAL A 24 -1.24 -13.96 -22.89
C VAL A 24 -1.70 -13.48 -21.51
N PHE A 25 -2.23 -14.41 -20.71
CA PHE A 25 -2.78 -14.21 -19.33
C PHE A 25 -1.98 -15.06 -18.36
N ILE A 26 -1.47 -14.51 -17.27
CA ILE A 26 -0.67 -15.33 -16.31
C ILE A 26 -1.40 -15.35 -14.96
N THR A 27 -1.20 -16.36 -14.10
CA THR A 27 -1.89 -16.45 -12.78
C THR A 27 -1.23 -17.51 -11.91
N THR A 28 -1.70 -17.62 -10.66
CA THR A 28 -1.20 -18.65 -9.71
C THR A 28 -2.02 -19.92 -9.93
N THR A 29 -1.34 -21.06 -10.05
CA THR A 29 -1.94 -22.37 -10.40
C THR A 29 -3.13 -22.65 -9.46
N HIS A 30 -2.94 -22.55 -8.15
CA HIS A 30 -3.99 -22.92 -7.16
C HIS A 30 -5.27 -22.05 -7.22
N VAL A 31 -5.32 -20.84 -7.85
CA VAL A 31 -6.61 -20.09 -8.00
C VAL A 31 -7.46 -20.57 -9.21
N ILE A 32 -6.88 -21.34 -10.15
CA ILE A 32 -7.53 -21.80 -11.42
C ILE A 32 -8.68 -22.71 -11.02
N PRO A 33 -9.94 -22.44 -11.45
CA PRO A 33 -11.06 -23.30 -11.08
C PRO A 33 -10.87 -24.70 -11.72
N THR A 34 -10.88 -25.76 -10.90
CA THR A 34 -10.41 -27.13 -11.27
C THR A 34 -11.31 -27.74 -12.35
N SER A 35 -12.60 -27.37 -12.40
CA SER A 35 -13.57 -28.03 -13.31
C SER A 35 -13.82 -27.21 -14.58
N ALA A 36 -13.10 -26.10 -14.79
CA ALA A 36 -13.36 -25.15 -15.89
C ALA A 36 -12.96 -25.79 -17.21
N LYS A 37 -13.77 -25.64 -18.24
CA LYS A 37 -13.53 -26.18 -19.60
C LYS A 37 -13.50 -25.05 -20.62
N GLU A 38 -13.78 -23.82 -20.19
CA GLU A 38 -13.86 -22.65 -21.10
C GLU A 38 -13.35 -21.40 -20.39
N PHE A 39 -12.61 -20.56 -21.10
CA PHE A 39 -12.07 -19.29 -20.54
C PHE A 39 -12.22 -18.20 -21.60
N PHE A 40 -12.92 -17.13 -21.24
CA PHE A 40 -13.11 -15.91 -22.07
C PHE A 40 -13.68 -16.28 -23.47
N GLY A 41 -14.57 -17.28 -23.53
CA GLY A 41 -15.25 -17.67 -24.78
C GLY A 41 -14.56 -18.81 -25.49
N GLU A 42 -13.29 -19.08 -25.18
CA GLU A 42 -12.53 -20.18 -25.84
C GLU A 42 -12.59 -21.43 -24.98
N PRO A 43 -12.81 -22.62 -25.62
CA PRO A 43 -12.69 -23.91 -24.96
C PRO A 43 -11.22 -24.30 -24.75
N LEU A 44 -10.91 -25.17 -23.78
CA LEU A 44 -9.52 -25.65 -23.51
C LEU A 44 -8.79 -25.96 -24.82
N THR A 45 -9.45 -26.71 -25.71
CA THR A 45 -9.04 -27.03 -27.10
C THR A 45 -8.13 -25.94 -27.68
N SER A 46 -8.58 -24.69 -27.62
CA SER A 46 -8.02 -23.55 -28.36
C SER A 46 -6.97 -22.78 -27.54
N ILE A 47 -6.64 -23.26 -26.35
CA ILE A 47 -5.73 -22.51 -25.42
C ILE A 47 -4.48 -23.35 -25.18
N ALA A 48 -3.29 -22.74 -25.35
CA ALA A 48 -1.97 -23.27 -24.93
C ALA A 48 -1.75 -22.96 -23.43
N ILE A 49 -1.71 -24.00 -22.61
CA ILE A 49 -1.37 -23.89 -21.17
C ILE A 49 0.09 -24.29 -20.99
N HIS A 50 0.86 -23.49 -20.25
CA HIS A 50 2.24 -23.81 -19.79
C HIS A 50 2.25 -23.65 -18.28
N ARG A 51 2.51 -24.73 -17.53
CA ARG A 51 2.50 -24.74 -16.04
C ARG A 51 3.87 -25.20 -15.52
N ALA A 52 4.42 -24.46 -14.55
CA ALA A 52 5.63 -24.82 -13.78
C ALA A 52 5.36 -24.61 -12.27
N GLY A 53 4.90 -25.64 -11.57
CA GLY A 53 4.43 -25.53 -10.18
C GLY A 53 3.34 -24.48 -10.04
N GLU A 54 3.55 -23.40 -9.27
CA GLU A 54 2.48 -22.40 -8.92
C GLU A 54 2.38 -21.27 -9.97
N PHE A 55 3.15 -21.29 -11.05
CA PHE A 55 2.98 -20.31 -12.16
C PHE A 55 2.29 -20.96 -13.35
N THR A 56 1.14 -20.44 -13.80
CA THR A 56 0.43 -20.89 -15.03
C THR A 56 0.30 -19.73 -16.04
N LEU A 57 0.71 -19.98 -17.29
CA LEU A 57 0.59 -19.04 -18.44
C LEU A 57 -0.42 -19.65 -19.44
N PHE A 58 -1.38 -18.84 -19.86
CA PHE A 58 -2.39 -19.17 -20.91
C PHE A 58 -2.07 -18.34 -22.14
N ARG A 59 -1.93 -18.99 -23.30
CA ARG A 59 -1.91 -18.30 -24.61
C ARG A 59 -3.17 -18.69 -25.41
N PHE A 60 -4.00 -17.71 -25.73
CA PHE A 60 -5.26 -17.89 -26.50
C PHE A 60 -4.90 -17.84 -27.99
N SER A 61 -5.77 -18.32 -28.87
CA SER A 61 -5.56 -18.28 -30.36
C SER A 61 -6.16 -16.99 -30.97
N LYS A 62 -6.99 -16.25 -30.22
CA LYS A 62 -7.47 -14.91 -30.64
C LYS A 62 -7.23 -13.85 -29.55
N LYS A 63 -7.04 -12.59 -29.98
CA LYS A 63 -6.85 -11.40 -29.11
C LYS A 63 -8.03 -11.20 -28.17
N ILE A 64 -7.93 -11.65 -26.93
CA ILE A 64 -9.00 -11.45 -25.90
C ILE A 64 -8.97 -9.98 -25.45
N ARG A 65 -7.78 -9.37 -25.39
CA ARG A 65 -7.60 -7.97 -24.95
C ARG A 65 -6.84 -7.15 -26.00
N PRO A 66 -7.47 -6.82 -27.15
CA PRO A 66 -6.83 -5.97 -28.15
C PRO A 66 -6.55 -4.52 -27.73
N ASP A 67 -7.04 -4.09 -26.56
CA ASP A 67 -6.75 -2.73 -26.07
C ASP A 67 -5.30 -2.65 -25.57
N LEU A 68 -4.66 -3.79 -25.29
CA LEU A 68 -3.31 -3.83 -24.62
C LEU A 68 -2.18 -3.95 -25.64
N THR A 69 -1.03 -3.37 -25.30
CA THR A 69 0.31 -3.62 -25.90
C THR A 69 0.94 -4.80 -25.15
N GLY A 70 1.69 -5.63 -25.87
CA GLY A 70 2.60 -6.63 -25.30
C GLY A 70 3.61 -5.94 -24.40
N MET A 71 3.85 -6.50 -23.21
CA MET A 71 4.78 -6.08 -22.12
C MET A 71 5.91 -7.10 -21.95
N ILE A 72 7.01 -6.73 -21.27
CA ILE A 72 8.10 -7.68 -20.87
C ILE A 72 7.75 -8.44 -19.57
N LEU A 73 7.59 -9.77 -19.69
CA LEU A 73 7.60 -10.73 -18.55
C LEU A 73 9.01 -11.31 -18.38
N GLU A 74 9.61 -11.21 -17.21
CA GLU A 74 10.96 -11.79 -16.97
C GLU A 74 10.82 -12.90 -15.93
N GLU A 75 11.84 -13.76 -15.83
CA GLU A 75 11.88 -14.91 -14.87
C GLU A 75 12.36 -14.33 -13.54
N GLY A 76 11.44 -13.78 -12.73
CA GLY A 76 11.75 -13.02 -11.49
C GLY A 76 12.57 -11.78 -11.76
N CYS A 77 13.05 -11.11 -10.70
CA CYS A 77 13.87 -9.88 -10.78
C CYS A 77 15.21 -10.05 -10.06
N PRO A 78 16.24 -9.20 -10.34
CA PRO A 78 17.46 -9.20 -9.56
C PRO A 78 17.23 -9.01 -8.05
N GLU A 79 18.01 -9.73 -7.22
CA GLU A 79 18.03 -9.59 -5.75
C GLU A 79 18.15 -8.12 -5.39
N GLY A 80 17.36 -7.63 -4.45
CA GLY A 80 17.46 -6.23 -3.96
C GLY A 80 16.56 -5.25 -4.71
N THR A 81 16.04 -5.65 -5.88
CA THR A 81 14.96 -4.95 -6.63
C THR A 81 13.78 -4.78 -5.67
N VAL A 82 13.18 -3.60 -5.63
CA VAL A 82 11.92 -3.33 -4.87
C VAL A 82 10.79 -3.37 -5.89
N CYS A 83 9.84 -4.29 -5.67
CA CYS A 83 8.65 -4.48 -6.52
C CYS A 83 7.42 -3.86 -5.86
N SER A 84 6.35 -3.70 -6.62
CA SER A 84 4.96 -3.41 -6.17
C SER A 84 4.12 -4.65 -6.50
N VAL A 85 3.31 -5.13 -5.54
CA VAL A 85 2.29 -6.20 -5.78
C VAL A 85 0.94 -5.51 -6.03
N LEU A 86 0.35 -5.66 -7.23
CA LEU A 86 -0.85 -4.88 -7.67
C LEU A 86 -2.08 -5.61 -7.14
N ILE A 87 -2.45 -5.30 -5.90
CA ILE A 87 -3.62 -5.89 -5.20
C ILE A 87 -4.85 -4.96 -5.33
N LYS A 88 -5.99 -5.49 -5.81
CA LYS A 88 -7.34 -4.82 -5.71
C LYS A 88 -8.07 -5.30 -4.44
N ARG A 89 -8.61 -4.36 -3.66
CA ARG A 89 -9.36 -4.60 -2.38
C ARG A 89 -10.77 -3.97 -2.44
N ASP A 90 -11.64 -4.34 -1.51
CA ASP A 90 -13.08 -3.95 -1.50
C ASP A 90 -13.20 -2.44 -1.72
N SER A 91 -13.81 -2.05 -2.84
CA SER A 91 -14.39 -0.71 -3.12
C SER A 91 -13.54 0.08 -4.13
N GLY A 92 -13.03 -0.59 -5.17
CA GLY A 92 -12.22 0.07 -6.23
C GLY A 92 -10.95 0.69 -5.66
N GLU A 93 -10.49 0.17 -4.52
CA GLU A 93 -9.23 0.59 -3.86
C GLU A 93 -8.08 -0.25 -4.39
N LEU A 94 -6.99 0.45 -4.67
CA LEU A 94 -5.76 -0.10 -5.29
C LEU A 94 -4.64 -0.08 -4.27
N LEU A 95 -4.06 -1.25 -4.00
CA LEU A 95 -3.05 -1.44 -2.94
C LEU A 95 -1.76 -1.96 -3.58
N PRO A 96 -0.81 -1.08 -3.99
CA PRO A 96 0.47 -1.52 -4.52
C PRO A 96 1.48 -1.71 -3.35
N LEU A 97 1.56 -2.93 -2.84
CA LEU A 97 2.35 -3.24 -1.62
C LEU A 97 3.80 -3.33 -2.06
N ALA A 98 4.65 -2.51 -1.44
CA ALA A 98 6.12 -2.48 -1.67
C ALA A 98 6.78 -3.74 -1.08
N VAL A 99 7.64 -4.43 -1.85
CA VAL A 99 8.34 -5.69 -1.41
C VAL A 99 9.77 -5.64 -1.93
N ARG A 100 10.75 -5.89 -1.06
CA ARG A 100 12.19 -6.07 -1.42
C ARG A 100 12.39 -7.53 -1.80
N MET A 101 12.88 -7.79 -3.01
CA MET A 101 12.97 -9.18 -3.49
C MET A 101 14.35 -9.76 -3.08
N GLY A 102 14.38 -11.03 -2.70
CA GLY A 102 15.60 -11.83 -2.46
C GLY A 102 15.69 -13.04 -3.39
N ALA A 103 16.00 -14.18 -2.81
CA ALA A 103 16.49 -15.40 -3.49
C ALA A 103 15.32 -16.30 -3.87
N ILE A 104 15.44 -16.97 -5.02
CA ILE A 104 14.66 -18.19 -5.35
C ILE A 104 14.77 -19.13 -4.14
N ALA A 105 13.64 -19.52 -3.53
CA ALA A 105 13.57 -20.35 -2.32
C ALA A 105 12.55 -21.49 -2.46
N SER A 106 12.66 -22.50 -1.60
CA SER A 106 11.61 -23.50 -1.30
C SER A 106 11.25 -23.43 0.18
N MET A 107 9.96 -23.33 0.52
CA MET A 107 9.47 -23.18 1.92
C MET A 107 8.27 -24.07 2.20
N ARG A 108 8.03 -24.33 3.47
CA ARG A 108 6.75 -24.89 3.98
C ARG A 108 5.97 -23.73 4.58
N ILE A 109 4.92 -23.26 3.90
CA ILE A 109 4.05 -22.16 4.40
C ILE A 109 2.69 -22.78 4.77
N GLN A 110 2.46 -22.91 6.07
CA GLN A 110 1.23 -23.39 6.74
C GLN A 110 0.85 -24.74 6.13
N GLY A 111 1.74 -25.72 6.29
CA GLY A 111 1.49 -27.12 5.91
C GLY A 111 1.90 -27.41 4.47
N ARG A 112 1.98 -26.40 3.60
CA ARG A 112 2.01 -26.58 2.11
C ARG A 112 3.40 -26.20 1.59
N LEU A 113 3.89 -26.93 0.57
CA LEU A 113 5.28 -26.73 0.07
C LEU A 113 5.22 -25.75 -1.10
N VAL A 114 6.07 -24.71 -1.07
CA VAL A 114 6.00 -23.60 -2.06
C VAL A 114 7.39 -23.29 -2.63
N HIS A 115 7.46 -22.93 -3.92
CA HIS A 115 8.74 -22.61 -4.58
C HIS A 115 8.62 -21.35 -5.43
N GLY A 116 9.56 -20.40 -5.25
CA GLY A 116 9.65 -19.19 -6.08
C GLY A 116 10.58 -18.13 -5.52
N GLN A 117 10.36 -16.86 -5.88
CA GLN A 117 11.25 -15.76 -5.44
C GLN A 117 10.66 -15.15 -4.17
N SER A 118 11.41 -15.25 -3.09
CA SER A 118 11.08 -14.73 -1.74
C SER A 118 11.21 -13.20 -1.76
N GLY A 119 10.45 -12.51 -0.91
CA GLY A 119 10.62 -11.09 -0.67
C GLY A 119 10.14 -10.70 0.71
N MET A 120 10.39 -9.47 1.12
CA MET A 120 9.92 -9.01 2.46
C MET A 120 9.13 -7.72 2.26
N LEU A 121 7.94 -7.61 2.86
CA LEU A 121 7.06 -6.43 2.64
C LEU A 121 7.73 -5.18 3.25
N LEU A 122 7.54 -3.97 2.70
CA LEU A 122 8.15 -2.70 3.19
C LEU A 122 7.06 -1.73 3.66
N THR A 123 5.96 -2.29 4.16
CA THR A 123 4.68 -1.58 4.49
C THR A 123 4.53 -1.35 6.01
N GLY A 124 5.35 -2.01 6.87
CA GLY A 124 5.20 -1.98 8.34
C GLY A 124 5.87 -3.15 9.08
N ALA A 125 5.91 -3.09 10.41
CA ALA A 125 6.74 -3.98 11.26
C ALA A 125 6.15 -5.39 11.22
N ASN A 126 4.97 -5.58 11.81
CA ASN A 126 4.17 -6.82 11.64
C ASN A 126 3.06 -6.51 10.63
N ALA A 127 3.23 -6.98 9.40
CA ALA A 127 2.30 -6.77 8.27
C ALA A 127 1.17 -7.82 8.30
N LYS A 128 0.99 -8.53 9.42
CA LYS A 128 -0.15 -9.46 9.69
C LYS A 128 -1.47 -8.69 9.58
N GLY A 129 -2.14 -8.77 8.44
CA GLY A 129 -3.49 -8.22 8.26
C GLY A 129 -3.74 -7.70 6.85
N MET A 130 -5.00 -7.33 6.58
CA MET A 130 -5.44 -6.79 5.28
C MET A 130 -4.99 -5.32 5.11
N ASP A 131 -4.70 -4.56 6.19
CA ASP A 131 -4.39 -3.10 6.10
C ASP A 131 -2.95 -2.85 5.62
N LEU A 132 -1.98 -3.68 6.06
CA LEU A 132 -0.55 -3.54 5.67
C LEU A 132 -0.06 -4.74 4.84
N GLY A 133 -0.74 -5.89 4.86
CA GLY A 133 -0.22 -7.17 4.30
C GLY A 133 -1.11 -7.81 3.23
N THR A 134 -0.81 -9.06 2.85
CA THR A 134 -1.61 -9.84 1.86
C THR A 134 -2.68 -10.65 2.59
N ILE A 135 -3.71 -11.07 1.83
CA ILE A 135 -4.77 -12.02 2.26
C ILE A 135 -4.89 -13.12 1.20
N PRO A 136 -5.46 -14.31 1.55
CA PRO A 136 -5.58 -15.42 0.59
C PRO A 136 -6.15 -14.98 -0.76
N GLY A 137 -7.12 -14.04 -0.74
CA GLY A 137 -7.81 -13.45 -1.92
C GLY A 137 -6.87 -12.73 -2.88
N ASP A 138 -5.60 -12.50 -2.50
CA ASP A 138 -4.68 -11.70 -3.36
C ASP A 138 -3.87 -12.63 -4.27
N CYS A 139 -4.01 -13.96 -4.13
CA CYS A 139 -3.17 -14.91 -4.91
C CYS A 139 -3.41 -14.63 -6.41
N GLY A 140 -2.33 -14.58 -7.20
CA GLY A 140 -2.35 -14.31 -8.65
C GLY A 140 -2.01 -12.87 -8.99
N ALA A 141 -2.03 -11.97 -8.00
CA ALA A 141 -1.75 -10.54 -8.23
C ALA A 141 -0.31 -10.39 -8.76
N PRO A 142 -0.07 -9.56 -9.81
CA PRO A 142 1.26 -9.53 -10.41
C PRO A 142 2.31 -8.76 -9.59
N TYR A 143 3.58 -9.16 -9.68
CA TYR A 143 4.74 -8.41 -9.14
C TYR A 143 5.34 -7.62 -10.32
N VAL A 144 5.60 -6.32 -10.15
CA VAL A 144 6.00 -5.38 -11.24
C VAL A 144 7.01 -4.40 -10.67
N TYR A 145 7.87 -3.86 -11.53
CA TYR A 145 8.83 -2.81 -11.15
C TYR A 145 9.14 -1.95 -12.37
N LYS A 146 9.42 -0.68 -12.07
CA LYS A 146 9.74 0.41 -13.02
C LYS A 146 11.26 0.44 -13.27
N ARG A 147 11.69 0.44 -14.52
CA ARG A 147 13.11 0.67 -14.87
C ARG A 147 13.25 2.12 -15.33
N ALA A 148 14.36 2.47 -15.98
CA ALA A 148 14.63 3.86 -16.42
C ALA A 148 13.40 4.39 -17.16
N ASN A 149 12.97 3.67 -18.21
CA ASN A 149 11.81 4.00 -19.08
C ASN A 149 10.60 3.11 -18.74
N ASP A 150 10.87 1.81 -18.55
CA ASP A 150 9.92 0.67 -18.58
C ASP A 150 9.17 0.47 -17.27
N TRP A 151 8.10 -0.32 -17.35
CA TRP A 151 7.65 -1.26 -16.28
C TRP A 151 7.80 -2.67 -16.82
N VAL A 152 8.15 -3.61 -15.94
CA VAL A 152 8.33 -5.05 -16.24
C VAL A 152 7.48 -5.83 -15.21
N VAL A 153 7.02 -7.01 -15.60
CA VAL A 153 6.32 -7.96 -14.70
C VAL A 153 7.23 -9.17 -14.56
N CYS A 154 7.34 -9.71 -13.35
CA CYS A 154 8.36 -10.75 -13.04
C CYS A 154 7.78 -11.96 -12.27
N GLY A 155 6.46 -12.00 -11.99
CA GLY A 155 5.79 -13.14 -11.32
C GLY A 155 4.40 -12.82 -10.78
N VAL A 156 3.83 -13.76 -10.00
CA VAL A 156 2.43 -13.65 -9.45
C VAL A 156 2.39 -14.15 -7.99
N HIS A 157 1.51 -13.56 -7.18
CA HIS A 157 1.47 -13.79 -5.71
C HIS A 157 0.99 -15.22 -5.44
N ALA A 158 1.84 -16.03 -4.79
CA ALA A 158 1.57 -17.46 -4.51
C ALA A 158 1.38 -17.73 -3.01
N ALA A 159 2.03 -16.99 -2.11
CA ALA A 159 2.02 -17.38 -0.68
C ALA A 159 2.58 -16.26 0.20
N ALA A 160 2.24 -16.33 1.50
CA ALA A 160 2.79 -15.48 2.57
C ALA A 160 2.75 -16.22 3.90
N THR A 161 3.70 -15.89 4.77
CA THR A 161 3.90 -16.57 6.08
C THR A 161 2.85 -16.10 7.07
N LYS A 162 2.60 -16.89 8.13
CA LYS A 162 1.60 -16.54 9.16
C LYS A 162 1.94 -15.17 9.78
N SER A 163 3.22 -14.80 9.82
CA SER A 163 3.70 -13.49 10.37
C SER A 163 3.17 -12.33 9.54
N GLY A 164 3.04 -12.55 8.23
CA GLY A 164 2.80 -11.48 7.25
C GLY A 164 4.06 -11.10 6.48
N ASN A 165 5.23 -11.03 7.14
CA ASN A 165 6.39 -10.25 6.62
C ASN A 165 7.00 -10.86 5.35
N THR A 166 6.99 -12.17 5.16
CA THR A 166 7.61 -12.82 3.97
C THR A 166 6.53 -13.21 2.95
N VAL A 167 6.79 -12.90 1.68
CA VAL A 167 5.94 -13.30 0.52
C VAL A 167 6.74 -14.19 -0.43
N VAL A 168 6.02 -14.92 -1.28
CA VAL A 168 6.57 -15.75 -2.37
C VAL A 168 5.81 -15.40 -3.65
N CYS A 169 6.59 -14.98 -4.65
CA CYS A 169 6.26 -14.67 -6.04
C CYS A 169 6.60 -15.92 -6.90
N ALA A 170 5.65 -16.60 -7.53
CA ALA A 170 5.99 -17.74 -8.41
C ALA A 170 6.49 -17.18 -9.75
N VAL A 171 7.41 -17.87 -10.43
CA VAL A 171 8.16 -17.27 -11.58
C VAL A 171 8.13 -18.25 -12.75
N GLN A 172 8.21 -17.69 -13.95
CA GLN A 172 8.34 -18.41 -15.22
C GLN A 172 9.54 -19.34 -15.06
N PRO B 1 -14.63 -1.60 9.98
CA PRO B 1 -13.58 -2.63 10.10
C PRO B 1 -12.20 -2.36 9.44
N THR B 2 -11.84 -1.12 9.06
CA THR B 2 -10.49 -0.81 8.49
C THR B 2 -9.97 0.54 9.00
N LEU B 3 -8.66 0.60 9.26
CA LEU B 3 -7.89 1.84 9.53
C LEU B 3 -7.96 2.81 8.35
N TRP B 4 -7.97 2.30 7.13
CA TRP B 4 -7.98 3.13 5.89
C TRP B 4 -9.22 4.05 5.85
N SER B 5 -10.35 3.50 6.30
CA SER B 5 -11.64 4.17 6.58
C SER B 5 -11.45 5.53 7.30
N ARG B 6 -10.45 5.65 8.18
CA ARG B 6 -10.27 6.83 9.08
C ARG B 6 -9.51 7.95 8.35
N VAL B 7 -8.92 7.65 7.21
CA VAL B 7 -8.06 8.62 6.45
C VAL B 7 -8.95 9.34 5.45
N THR B 8 -9.16 10.65 5.65
CA THR B 8 -10.23 11.48 5.02
C THR B 8 -9.58 12.65 4.29
N LYS B 9 -9.96 12.90 3.03
CA LYS B 9 -9.37 14.04 2.29
C LYS B 9 -9.74 15.31 3.07
N PHE B 10 -8.91 16.34 3.07
CA PHE B 10 -9.14 17.52 3.95
C PHE B 10 -8.20 18.66 3.59
N GLY B 11 -8.74 19.85 3.36
CA GLY B 11 -7.95 21.01 2.91
C GLY B 11 -7.05 20.64 1.75
N SER B 12 -5.78 21.06 1.78
CA SER B 12 -4.75 20.76 0.76
C SER B 12 -4.13 19.34 0.96
N GLY B 13 -4.56 18.58 1.98
CA GLY B 13 -4.07 17.20 2.19
C GLY B 13 -5.12 16.28 2.81
N TRP B 14 -4.78 15.70 3.97
CA TRP B 14 -5.60 14.66 4.64
C TRP B 14 -5.62 14.87 6.15
N GLY B 15 -6.45 14.08 6.81
CA GLY B 15 -6.55 13.97 8.26
C GLY B 15 -7.05 12.58 8.61
N PHE B 16 -7.31 12.33 9.91
CA PHE B 16 -7.48 10.96 10.45
C PHE B 16 -8.44 11.01 11.64
N TRP B 17 -9.42 10.11 11.64
CA TRP B 17 -10.44 10.01 12.71
C TRP B 17 -9.90 9.04 13.75
N VAL B 18 -9.52 9.61 14.89
CA VAL B 18 -9.06 8.88 16.10
C VAL B 18 -10.28 8.29 16.80
N SER B 19 -11.43 8.95 16.69
CA SER B 19 -12.68 8.50 17.38
C SER B 19 -13.84 9.13 16.64
N PRO B 20 -15.10 8.90 17.07
CA PRO B 20 -16.26 9.52 16.45
C PRO B 20 -16.27 11.05 16.51
N THR B 21 -15.52 11.66 17.46
CA THR B 21 -15.55 13.12 17.76
C THR B 21 -14.15 13.75 17.61
N VAL B 22 -13.08 12.99 17.37
CA VAL B 22 -11.71 13.57 17.32
C VAL B 22 -11.07 13.27 15.96
N PHE B 23 -10.63 14.33 15.29
CA PHE B 23 -9.99 14.34 13.95
C PHE B 23 -8.65 15.07 14.04
N ILE B 24 -7.56 14.43 13.58
CA ILE B 24 -6.21 15.05 13.64
C ILE B 24 -5.72 15.33 12.21
N THR B 25 -4.93 16.38 12.03
CA THR B 25 -4.37 16.77 10.71
C THR B 25 -3.11 17.61 10.93
N THR B 26 -2.44 17.98 9.82
CA THR B 26 -1.23 18.84 9.75
C THR B 26 -1.68 20.29 9.58
N THR B 27 -1.19 21.18 10.43
CA THR B 27 -1.73 22.55 10.53
C THR B 27 -1.70 23.21 9.15
N HIS B 28 -0.62 23.10 8.39
CA HIS B 28 -0.51 23.83 7.09
C HIS B 28 -1.58 23.41 6.05
N VAL B 29 -2.27 22.25 6.15
CA VAL B 29 -3.26 21.81 5.11
C VAL B 29 -4.63 22.41 5.42
N ILE B 30 -4.90 22.87 6.64
CA ILE B 30 -6.27 23.28 7.07
C ILE B 30 -6.69 24.50 6.25
N PRO B 31 -7.95 24.56 5.76
CA PRO B 31 -8.49 25.75 5.10
C PRO B 31 -8.46 27.03 5.95
N THR B 32 -8.06 28.17 5.38
CA THR B 32 -7.91 29.45 6.13
C THR B 32 -9.19 30.31 6.01
N SER B 33 -10.17 29.83 5.24
CA SER B 33 -11.53 30.43 5.10
C SER B 33 -12.56 29.32 5.32
N ALA B 34 -13.20 29.25 6.49
CA ALA B 34 -14.21 28.21 6.75
C ALA B 34 -15.16 28.62 7.87
N LYS B 35 -16.43 28.23 7.74
CA LYS B 35 -17.50 28.45 8.75
C LYS B 35 -17.91 27.11 9.38
N GLU B 36 -17.78 26.01 8.63
CA GLU B 36 -18.15 24.67 9.13
C GLU B 36 -17.16 23.65 8.56
N PHE B 37 -17.00 22.52 9.25
CA PHE B 37 -16.29 21.30 8.74
C PHE B 37 -17.20 20.10 8.96
N PHE B 38 -17.29 19.23 7.96
CA PHE B 38 -18.09 17.97 7.99
C PHE B 38 -19.49 18.27 8.53
N GLY B 39 -20.02 19.44 8.17
CA GLY B 39 -21.40 19.86 8.45
C GLY B 39 -21.62 20.34 9.88
N GLU B 40 -20.57 20.53 10.67
CA GLU B 40 -20.74 21.12 12.02
C GLU B 40 -20.13 22.51 11.98
N PRO B 41 -20.81 23.53 12.55
CA PRO B 41 -20.27 24.90 12.56
C PRO B 41 -19.06 25.02 13.51
N LEU B 42 -18.06 25.79 13.10
CA LEU B 42 -16.80 25.99 13.87
C LEU B 42 -17.12 26.44 15.29
N THR B 43 -18.21 27.19 15.45
CA THR B 43 -18.94 27.45 16.72
C THR B 43 -18.81 26.31 17.71
N SER B 44 -18.99 25.07 17.24
CA SER B 44 -19.22 23.86 18.04
C SER B 44 -17.94 23.00 18.17
N ILE B 45 -16.86 23.38 17.46
CA ILE B 45 -15.59 22.58 17.33
C ILE B 45 -14.51 23.22 18.22
N ALA B 46 -14.03 22.50 19.25
CA ALA B 46 -12.76 22.81 19.94
C ALA B 46 -11.59 22.54 18.97
N ILE B 47 -10.75 23.55 18.67
CA ILE B 47 -9.44 23.42 17.95
C ILE B 47 -8.29 23.51 18.96
N HIS B 48 -7.40 22.49 19.01
CA HIS B 48 -6.12 22.43 19.79
C HIS B 48 -4.93 22.29 18.83
N ARG B 49 -4.14 23.35 18.67
CA ARG B 49 -2.97 23.34 17.76
C ARG B 49 -1.70 23.36 18.61
N ALA B 50 -0.68 22.65 18.12
CA ALA B 50 0.69 22.60 18.66
C ALA B 50 1.62 22.53 17.45
N GLY B 51 2.13 23.67 16.98
CA GLY B 51 2.97 23.70 15.76
C GLY B 51 2.24 23.12 14.56
N GLU B 52 2.85 22.13 13.89
CA GLU B 52 2.27 21.45 12.69
C GLU B 52 1.28 20.33 13.06
N PHE B 53 0.90 20.17 14.33
CA PHE B 53 -0.08 19.14 14.75
C PHE B 53 -1.34 19.84 15.23
N THR B 54 -2.51 19.58 14.60
CA THR B 54 -3.83 20.13 15.00
C THR B 54 -4.79 18.97 15.30
N LEU B 55 -5.44 19.04 16.48
CA LEU B 55 -6.57 18.18 16.91
C LEU B 55 -7.85 19.03 16.99
N PHE B 56 -8.91 18.54 16.34
CA PHE B 56 -10.32 18.98 16.37
C PHE B 56 -11.20 18.02 17.19
N ARG B 57 -11.94 18.53 18.16
CA ARG B 57 -12.95 17.71 18.88
C ARG B 57 -14.37 18.23 18.58
N PHE B 58 -15.23 17.41 17.97
CA PHE B 58 -16.61 17.83 17.56
C PHE B 58 -17.56 17.66 18.75
N SER B 59 -18.68 18.41 18.78
CA SER B 59 -19.66 18.34 19.89
C SER B 59 -20.68 17.24 19.64
N LYS B 60 -20.71 16.69 18.42
CA LYS B 60 -21.54 15.51 18.06
C LYS B 60 -20.68 14.49 17.30
N LYS B 61 -21.04 13.19 17.43
CA LYS B 61 -20.43 12.07 16.69
C LYS B 61 -20.57 12.35 15.21
N ILE B 62 -19.46 12.47 14.48
CA ILE B 62 -19.42 12.62 13.01
C ILE B 62 -19.25 11.22 12.41
N ARG B 63 -18.50 10.36 13.06
CA ARG B 63 -18.20 8.98 12.59
C ARG B 63 -18.53 8.01 13.71
N PRO B 64 -19.83 7.85 14.05
CA PRO B 64 -20.22 6.96 15.15
C PRO B 64 -19.99 5.48 14.80
N ASP B 65 -19.65 5.16 13.55
CA ASP B 65 -19.26 3.79 13.13
C ASP B 65 -17.91 3.38 13.74
N LEU B 66 -17.08 4.33 14.21
CA LEU B 66 -15.69 4.07 14.71
C LEU B 66 -15.67 3.91 16.23
N THR B 67 -14.75 3.09 16.75
CA THR B 67 -14.36 3.09 18.19
C THR B 67 -13.15 4.04 18.40
N GLY B 68 -12.95 4.51 19.63
CA GLY B 68 -11.80 5.37 19.99
C GLY B 68 -10.52 4.56 20.07
N MET B 69 -9.47 5.00 19.37
CA MET B 69 -8.08 4.44 19.33
C MET B 69 -7.16 5.18 20.30
N ILE B 70 -6.03 4.56 20.66
CA ILE B 70 -4.93 5.19 21.43
C ILE B 70 -4.23 6.24 20.56
N LEU B 71 -4.14 7.49 21.03
CA LEU B 71 -3.24 8.53 20.46
C LEU B 71 -2.06 8.76 21.43
N GLU B 72 -0.83 8.82 20.93
CA GLU B 72 0.36 9.07 21.81
C GLU B 72 1.22 10.18 21.21
N GLU B 73 1.96 10.86 22.07
CA GLU B 73 2.83 12.00 21.69
C GLU B 73 4.12 11.42 21.06
N GLY B 74 4.07 11.05 19.78
CA GLY B 74 5.19 10.37 19.11
C GLY B 74 5.33 8.92 19.58
N CYS B 75 6.44 8.26 19.25
CA CYS B 75 6.73 6.85 19.66
C CYS B 75 8.17 6.70 20.14
N PRO B 76 8.51 5.55 20.79
CA PRO B 76 9.89 5.21 21.11
C PRO B 76 10.79 5.20 19.87
N GLU B 77 11.95 5.83 20.00
CA GLU B 77 13.05 5.81 19.02
C GLU B 77 13.26 4.38 18.55
N GLY B 78 13.37 4.18 17.24
CA GLY B 78 13.53 2.83 16.65
C GLY B 78 12.24 2.11 16.35
N THR B 79 11.09 2.62 16.79
CA THR B 79 9.76 2.05 16.40
C THR B 79 9.65 2.13 14.86
N VAL B 80 9.16 1.07 14.21
CA VAL B 80 8.85 1.08 12.76
C VAL B 80 7.33 1.36 12.62
N CYS B 81 7.01 2.59 12.24
CA CYS B 81 5.63 3.04 11.92
C CYS B 81 5.27 2.79 10.46
N SER B 82 3.97 2.93 10.16
CA SER B 82 3.39 2.94 8.81
C SER B 82 2.78 4.32 8.60
N VAL B 83 3.19 5.00 7.53
CA VAL B 83 2.48 6.23 7.07
C VAL B 83 1.38 5.78 6.09
N LEU B 84 0.11 6.07 6.46
CA LEU B 84 -1.10 5.63 5.71
C LEU B 84 -1.47 6.68 4.64
N ILE B 85 -0.76 6.66 3.51
CA ILE B 85 -0.96 7.61 2.39
C ILE B 85 -2.14 7.15 1.51
N LYS B 86 -3.11 8.04 1.28
CA LYS B 86 -4.15 7.91 0.23
C LYS B 86 -3.83 8.89 -0.91
N ARG B 87 -3.96 8.41 -2.14
CA ARG B 87 -3.77 9.28 -3.34
C ARG B 87 -5.13 9.48 -4.01
N ASP B 88 -5.25 10.58 -4.78
CA ASP B 88 -6.48 10.96 -5.51
C ASP B 88 -6.79 9.91 -6.58
N SER B 89 -5.78 9.13 -7.00
CA SER B 89 -5.89 8.03 -7.99
C SER B 89 -6.79 6.88 -7.54
N GLY B 90 -7.09 6.75 -6.24
CA GLY B 90 -7.66 5.54 -5.61
C GLY B 90 -6.61 4.66 -4.93
N GLU B 91 -5.31 4.96 -5.10
CA GLU B 91 -4.20 4.13 -4.52
C GLU B 91 -4.11 4.34 -3.01
N LEU B 92 -3.97 3.22 -2.29
CA LEU B 92 -3.59 3.17 -0.85
C LEU B 92 -2.12 2.75 -0.73
N LEU B 93 -1.30 3.46 0.06
CA LEU B 93 0.18 3.29 0.00
C LEU B 93 0.78 3.28 1.42
N PRO B 94 0.75 2.13 2.14
CA PRO B 94 1.34 2.04 3.47
C PRO B 94 2.87 1.87 3.33
N LEU B 95 3.65 2.84 3.80
CA LEU B 95 5.14 2.81 3.76
C LEU B 95 5.73 2.75 5.18
N ALA B 96 6.63 1.79 5.40
CA ALA B 96 7.43 1.60 6.64
C ALA B 96 8.44 2.76 6.81
N VAL B 97 8.49 3.33 8.02
CA VAL B 97 9.40 4.44 8.45
C VAL B 97 9.96 4.09 9.82
N ARG B 98 11.30 4.08 9.97
CA ARG B 98 11.97 3.83 11.26
C ARG B 98 12.09 5.19 11.96
N MET B 99 11.45 5.36 13.12
CA MET B 99 11.37 6.69 13.75
C MET B 99 12.68 6.95 14.52
N GLY B 100 13.09 8.21 14.56
CA GLY B 100 14.29 8.74 15.22
C GLY B 100 13.87 9.70 16.31
N ALA B 101 14.61 10.78 16.54
CA ALA B 101 14.40 11.71 17.69
C ALA B 101 13.49 12.86 17.27
N ILE B 102 12.88 13.51 18.26
CA ILE B 102 12.30 14.87 18.14
C ILE B 102 13.45 15.80 17.72
N ALA B 103 13.22 16.68 16.75
CA ALA B 103 14.22 17.64 16.23
C ALA B 103 13.54 18.75 15.44
N SER B 104 14.25 19.87 15.28
CA SER B 104 13.96 20.99 14.34
C SER B 104 14.92 20.85 13.17
N MET B 105 14.45 20.84 11.92
CA MET B 105 15.18 19.99 10.95
C MET B 105 15.29 20.51 9.53
N ARG B 106 15.15 21.79 9.24
CA ARG B 106 15.55 22.36 7.92
C ARG B 106 15.32 21.34 6.79
N ILE B 107 14.11 21.33 6.22
CA ILE B 107 13.62 20.40 5.17
C ILE B 107 13.32 21.24 3.91
N GLN B 108 14.09 21.03 2.83
CA GLN B 108 14.23 21.93 1.66
C GLN B 108 13.89 23.37 2.08
N GLY B 109 14.84 24.03 2.73
CA GLY B 109 14.77 25.48 3.04
C GLY B 109 13.81 25.83 4.17
N ARG B 110 13.11 24.86 4.80
CA ARG B 110 12.07 25.16 5.83
C ARG B 110 12.47 24.59 7.21
N LEU B 111 12.24 25.36 8.28
CA LEU B 111 12.36 24.88 9.69
C LEU B 111 11.09 24.09 9.99
N VAL B 112 11.20 22.79 10.23
CA VAL B 112 10.02 22.01 10.70
C VAL B 112 10.41 21.29 11.98
N HIS B 113 9.55 21.33 12.99
CA HIS B 113 9.72 20.58 14.27
C HIS B 113 8.79 19.35 14.26
N GLY B 114 9.36 18.17 14.49
CA GLY B 114 8.65 16.94 14.91
C GLY B 114 9.57 15.74 15.06
N GLN B 115 9.01 14.52 15.06
CA GLN B 115 9.82 13.30 15.13
C GLN B 115 10.31 12.98 13.72
N SER B 116 11.63 12.85 13.52
CA SER B 116 12.20 12.47 12.20
C SER B 116 12.02 10.96 12.02
N GLY B 117 12.17 10.48 10.81
CA GLY B 117 12.12 9.05 10.47
C GLY B 117 12.75 8.85 9.12
N MET B 118 13.03 7.61 8.73
CA MET B 118 13.60 7.29 7.41
C MET B 118 12.75 6.17 6.79
N LEU B 119 12.32 6.37 5.55
CA LEU B 119 11.58 5.37 4.74
C LEU B 119 12.45 4.15 4.51
N LEU B 120 11.91 2.96 4.74
CA LEU B 120 12.61 1.69 4.49
C LEU B 120 12.77 1.44 2.98
N THR B 121 12.18 2.23 2.10
CA THR B 121 12.23 1.90 0.66
C THR B 121 13.59 2.33 0.10
N GLY B 122 14.26 3.27 0.77
CA GLY B 122 15.65 3.65 0.48
C GLY B 122 15.91 3.85 -1.01
N ALA B 123 15.37 2.99 -1.89
CA ALA B 123 15.30 3.20 -3.36
C ALA B 123 15.27 4.71 -3.62
N ASN B 124 14.70 5.45 -2.67
CA ASN B 124 14.62 6.93 -2.64
C ASN B 124 13.76 7.33 -3.83
N ALA B 125 12.44 7.14 -3.66
CA ALA B 125 11.37 7.40 -4.65
C ALA B 125 11.68 8.68 -5.43
N LYS B 126 11.54 8.62 -6.75
CA LYS B 126 11.65 9.81 -7.64
C LYS B 126 10.68 9.60 -8.83
N GLY B 127 9.51 8.99 -8.55
CA GLY B 127 8.43 8.75 -9.52
C GLY B 127 8.24 7.29 -9.86
N MET B 128 8.27 6.39 -8.86
CA MET B 128 7.87 4.96 -9.00
C MET B 128 6.77 4.67 -7.97
N ASP B 129 6.20 5.74 -7.41
CA ASP B 129 5.70 5.80 -6.00
C ASP B 129 6.90 5.42 -5.12
N LEU B 130 6.68 4.76 -3.97
CA LEU B 130 7.71 4.26 -3.01
C LEU B 130 8.14 5.38 -2.04
N GLY B 131 7.58 6.58 -2.18
CA GLY B 131 7.85 7.71 -1.29
C GLY B 131 6.70 8.69 -1.30
N THR B 132 6.85 9.76 -0.54
CA THR B 132 5.80 10.78 -0.33
C THR B 132 5.99 11.91 -1.34
N ILE B 133 4.91 12.68 -1.54
CA ILE B 133 4.80 13.88 -2.43
C ILE B 133 4.06 14.94 -1.61
N PRO B 134 4.21 16.25 -1.90
CA PRO B 134 3.61 17.30 -1.06
C PRO B 134 2.12 17.08 -0.73
N GLY B 135 1.34 16.63 -1.71
CA GLY B 135 -0.09 16.32 -1.56
C GLY B 135 -0.43 15.35 -0.42
N ASP B 136 0.55 14.61 0.15
CA ASP B 136 0.32 13.52 1.14
C ASP B 136 0.23 14.06 2.58
N CYS B 137 0.45 15.37 2.81
CA CYS B 137 0.57 15.93 4.18
C CYS B 137 -0.73 15.71 4.96
N GLY B 138 -0.58 15.29 6.22
CA GLY B 138 -1.68 15.00 7.16
C GLY B 138 -1.93 13.51 7.31
N ALA B 139 -1.40 12.68 6.41
CA ALA B 139 -1.48 11.20 6.56
C ALA B 139 -0.96 10.80 7.94
N PRO B 140 -1.65 9.86 8.64
CA PRO B 140 -1.22 9.43 9.98
C PRO B 140 -0.04 8.44 10.06
N TYR B 141 0.70 8.47 11.17
CA TYR B 141 1.77 7.49 11.53
C TYR B 141 1.18 6.52 12.56
N VAL B 142 1.05 5.24 12.21
CA VAL B 142 0.48 4.19 13.11
C VAL B 142 1.50 3.02 13.25
N TYR B 143 1.31 2.20 14.28
CA TYR B 143 2.03 0.92 14.51
C TYR B 143 1.16 0.08 15.45
N LYS B 144 1.38 -1.25 15.46
CA LYS B 144 0.63 -2.25 16.24
C LYS B 144 1.44 -2.56 17.50
N ARG B 145 0.80 -2.63 18.65
CA ARG B 145 1.44 -2.75 19.98
C ARG B 145 0.52 -3.59 20.86
N ALA B 146 0.96 -4.77 21.31
CA ALA B 146 0.06 -5.79 21.90
C ALA B 146 -1.07 -5.99 20.88
N ASN B 147 -2.34 -5.83 21.27
CA ASN B 147 -3.51 -6.10 20.40
C ASN B 147 -4.02 -4.80 19.75
N ASP B 148 -3.40 -3.64 20.05
CA ASP B 148 -3.95 -2.31 19.70
C ASP B 148 -3.08 -1.64 18.65
N TRP B 149 -3.72 -1.02 17.66
CA TRP B 149 -3.11 0.04 16.82
C TRP B 149 -2.94 1.33 17.64
N VAL B 150 -1.80 1.99 17.47
CA VAL B 150 -1.44 3.30 18.08
C VAL B 150 -1.27 4.27 16.91
N VAL B 151 -1.84 5.47 17.00
CA VAL B 151 -1.50 6.58 16.07
C VAL B 151 -0.65 7.56 16.87
N CYS B 152 0.46 8.05 16.29
CA CYS B 152 1.38 8.88 17.09
C CYS B 152 1.76 10.20 16.43
N GLY B 153 1.16 10.52 15.27
CA GLY B 153 1.28 11.83 14.60
C GLY B 153 0.88 11.84 13.13
N VAL B 154 1.17 12.94 12.44
CA VAL B 154 0.70 13.15 11.04
C VAL B 154 1.88 13.69 10.21
N HIS B 155 1.88 13.38 8.91
CA HIS B 155 2.99 13.64 7.98
C HIS B 155 3.05 15.16 7.74
N ALA B 156 4.17 15.81 8.07
CA ALA B 156 4.32 17.30 7.95
C ALA B 156 5.31 17.70 6.84
N ALA B 157 6.27 16.86 6.47
CA ALA B 157 7.30 17.25 5.49
C ALA B 157 8.24 16.09 5.15
N ALA B 158 8.98 16.25 4.05
CA ALA B 158 9.92 15.23 3.53
C ALA B 158 10.97 15.92 2.65
N THR B 159 12.18 15.37 2.62
CA THR B 159 13.34 15.92 1.87
C THR B 159 13.34 15.38 0.45
N LYS B 160 13.85 16.19 -0.49
CA LYS B 160 13.85 15.96 -1.97
C LYS B 160 14.28 14.52 -2.27
N SER B 161 15.40 14.08 -1.68
CA SER B 161 15.90 12.68 -1.68
C SER B 161 14.73 11.72 -1.47
N GLY B 162 13.93 11.99 -0.44
CA GLY B 162 12.78 11.18 -0.02
C GLY B 162 13.10 10.38 1.23
N ASN B 163 14.40 10.19 1.52
CA ASN B 163 14.85 9.34 2.66
C ASN B 163 14.24 9.86 3.98
N THR B 164 14.33 11.17 4.28
CA THR B 164 13.90 11.74 5.59
C THR B 164 12.46 12.34 5.53
N VAL B 165 11.66 11.97 6.52
CA VAL B 165 10.28 12.48 6.78
C VAL B 165 10.20 13.08 8.19
N VAL B 166 9.27 14.00 8.39
CA VAL B 166 8.93 14.53 9.74
C VAL B 166 7.45 14.24 10.05
N CYS B 167 7.22 13.61 11.20
CA CYS B 167 5.89 13.33 11.80
C CYS B 167 5.64 14.45 12.83
N ALA B 168 4.58 15.25 12.63
CA ALA B 168 4.21 16.27 13.62
C ALA B 168 3.51 15.58 14.80
N VAL B 169 3.78 15.95 16.06
CA VAL B 169 3.31 15.19 17.25
C VAL B 169 2.55 16.11 18.23
N GLN B 170 1.65 15.49 18.99
CA GLN B 170 0.96 16.06 20.17
C GLN B 170 2.02 16.57 21.15
N ALA B 171 1.85 17.79 21.68
CA ALA B 171 2.74 18.44 22.68
C ALA B 171 2.55 17.76 24.05
#